data_1SCJ
#
_entry.id   1SCJ
#
_cell.length_a   73.544
_cell.length_b   92.210
_cell.length_c   47.415
_cell.angle_alpha   90.00
_cell.angle_beta   90.00
_cell.angle_gamma   90.00
#
_symmetry.space_group_name_H-M   'P 21 21 2'
#
loop_
_entity.id
_entity.type
_entity.pdbx_description
1 polymer 'SUBTILISIN E'
2 polymer 'SUBTILISIN E'
3 non-polymer 'CALCIUM ION'
4 water water
#
loop_
_entity_poly.entity_id
_entity_poly.type
_entity_poly.pdbx_seq_one_letter_code
_entity_poly.pdbx_strand_id
1 'polypeptide(L)'
;AQSVPYGISQIKAPALHSQGYTGSNVKVAVIDSGIDSSHPDLNVRGGASFVPSETNPYQDGSSHGTHVAGTIAALNNSIG
VLGVSPSASLYAVKVLDSTGSGQYSWIINGIEWAISNNMDVINMSLGGPTGSTALKTVVDKAVSSGIVVAAAAGNEGSSG
STSTVGYPAKYPSTIAVGAVNSSNQRASFSSAGSELDVMAPGVSIQSTLPGGTYGAYNGTCMATPHVAGAAALILSKHPT
WTNAQVRDRLESTATYLGNSFYYGKGLINVQAAAQ
;
A
2 'polypeptide(L)' EKKYIVGFKQTMSAMSSAKKKDVISQKGGKVEKQFKYVNAAAATLDEKAVKELKKDPSVAYVEEDHIAHEY B
#
# COMPACT_ATOMS: atom_id res chain seq x y z
N ALA A 1 -27.94 -5.90 -12.03
CA ALA A 1 -27.98 -6.21 -10.60
C ALA A 1 -26.56 -6.24 -9.98
N GLN A 2 -26.50 -5.84 -8.74
CA GLN A 2 -25.22 -5.78 -8.03
C GLN A 2 -24.96 -7.08 -7.27
N SER A 3 -23.72 -7.56 -7.34
CA SER A 3 -23.34 -8.70 -6.52
C SER A 3 -22.43 -8.24 -5.39
N VAL A 4 -22.58 -8.84 -4.23
CA VAL A 4 -21.72 -8.52 -3.08
C VAL A 4 -20.68 -9.62 -2.93
N PRO A 5 -19.43 -9.35 -3.30
CA PRO A 5 -18.41 -10.40 -3.24
C PRO A 5 -18.41 -10.99 -1.83
N TYR A 6 -18.21 -12.30 -1.72
CA TYR A 6 -18.21 -12.98 -0.41
C TYR A 6 -17.30 -12.32 0.61
N GLY A 7 -16.11 -11.82 0.20
CA GLY A 7 -15.15 -11.25 1.13
C GLY A 7 -15.72 -10.04 1.84
N ILE A 8 -16.59 -9.27 1.15
CA ILE A 8 -17.18 -8.07 1.71
C ILE A 8 -18.11 -8.44 2.88
N SER A 9 -18.92 -9.48 2.67
CA SER A 9 -19.75 -10.04 3.74
C SER A 9 -18.89 -10.69 4.82
N GLN A 10 -17.83 -11.37 4.41
CA GLN A 10 -16.97 -12.12 5.35
C GLN A 10 -16.35 -11.24 6.42
N ILE A 11 -16.01 -9.98 6.08
CA ILE A 11 -15.45 -9.10 7.11
C ILE A 11 -16.52 -8.31 7.82
N LYS A 12 -17.78 -8.58 7.47
CA LYS A 12 -18.95 -7.94 8.06
C LYS A 12 -19.09 -6.46 7.74
N ALA A 13 -18.71 -6.06 6.53
CA ALA A 13 -18.90 -4.65 6.10
C ALA A 13 -20.34 -4.21 5.92
N PRO A 14 -21.24 -5.06 5.43
CA PRO A 14 -22.65 -4.70 5.26
C PRO A 14 -23.33 -4.27 6.53
N ALA A 15 -22.90 -4.79 7.68
CA ALA A 15 -23.46 -4.33 8.96
C ALA A 15 -23.16 -2.84 9.17
N LEU A 16 -21.94 -2.41 8.78
CA LEU A 16 -21.60 -0.99 8.89
C LEU A 16 -22.47 -0.17 7.95
N HIS A 17 -22.69 -0.65 6.73
CA HIS A 17 -23.50 0.08 5.78
C HIS A 17 -24.92 0.23 6.31
N SER A 18 -25.48 -0.84 6.93
CA SER A 18 -26.81 -0.73 7.52
C SER A 18 -26.91 0.27 8.63
N GLN A 19 -25.86 0.44 9.41
CA GLN A 19 -25.77 1.50 10.42
C GLN A 19 -25.72 2.89 9.77
N GLY A 20 -25.51 2.98 8.45
CA GLY A 20 -25.38 4.24 7.77
C GLY A 20 -23.91 4.67 7.59
N TYR A 21 -22.95 3.77 7.76
CA TYR A 21 -21.53 4.11 7.62
C TYR A 21 -20.91 3.38 6.45
N THR A 22 -20.34 4.14 5.51
CA THR A 22 -19.90 3.66 4.23
C THR A 22 -18.55 4.30 3.80
N GLY A 23 -17.88 5.04 4.67
CA GLY A 23 -16.55 5.53 4.35
C GLY A 23 -16.60 6.97 3.76
N SER A 24 -17.78 7.61 3.83
CA SER A 24 -17.94 8.95 3.31
C SER A 24 -16.83 9.90 3.75
N ASN A 25 -16.31 10.71 2.83
CA ASN A 25 -15.32 11.74 3.07
C ASN A 25 -13.95 11.20 3.58
N VAL A 26 -13.74 9.90 3.60
CA VAL A 26 -12.46 9.36 4.00
C VAL A 26 -11.59 9.19 2.75
N LYS A 27 -10.40 9.77 2.80
CA LYS A 27 -9.52 9.75 1.63
C LYS A 27 -8.56 8.57 1.66
N VAL A 28 -8.63 7.74 0.63
CA VAL A 28 -7.90 6.51 0.50
C VAL A 28 -7.04 6.54 -0.76
N ALA A 29 -5.71 6.50 -0.55
CA ALA A 29 -4.79 6.37 -1.66
C ALA A 29 -4.54 4.92 -2.05
N VAL A 30 -4.83 4.59 -3.30
CA VAL A 30 -4.48 3.34 -3.93
C VAL A 30 -3.12 3.46 -4.62
N ILE A 31 -2.08 3.02 -3.90
CA ILE A 31 -0.72 3.19 -4.43
C ILE A 31 -0.46 1.92 -5.21
N ASP A 32 -0.61 2.03 -6.53
CA ASP A 32 -0.68 0.80 -7.33
C ASP A 32 -0.36 1.09 -8.80
N SER A 33 -0.98 0.35 -9.70
CA SER A 33 -0.76 0.53 -11.14
C SER A 33 -1.73 1.53 -11.79
N GLY A 34 -2.38 2.38 -11.04
CA GLY A 34 -3.38 3.28 -11.60
C GLY A 34 -4.79 2.76 -11.33
N ILE A 35 -5.79 3.60 -11.55
CA ILE A 35 -7.19 3.20 -11.53
C ILE A 35 -7.92 3.65 -12.79
N ASP A 36 -8.54 2.75 -13.50
CA ASP A 36 -9.33 3.16 -14.69
C ASP A 36 -10.56 3.86 -14.14
N SER A 37 -10.55 5.16 -14.04
CA SER A 37 -11.68 5.92 -13.53
C SER A 37 -12.85 6.02 -14.49
N SER A 38 -12.74 5.45 -15.70
CA SER A 38 -13.91 5.42 -16.59
C SER A 38 -14.88 4.29 -16.18
N HIS A 39 -14.43 3.42 -15.27
CA HIS A 39 -15.31 2.30 -14.85
C HIS A 39 -16.58 2.85 -14.21
N PRO A 40 -17.76 2.42 -14.67
CA PRO A 40 -19.01 2.94 -14.13
C PRO A 40 -19.22 2.59 -12.66
N ASP A 41 -18.48 1.59 -12.14
CA ASP A 41 -18.71 1.19 -10.74
C ASP A 41 -17.68 1.80 -9.82
N LEU A 42 -16.92 2.79 -10.32
CA LEU A 42 -15.92 3.45 -9.51
C LEU A 42 -16.04 4.97 -9.57
N ASN A 43 -15.73 5.63 -8.48
CA ASN A 43 -15.49 7.06 -8.43
C ASN A 43 -14.04 7.32 -8.04
N VAL A 44 -13.32 8.12 -8.79
CA VAL A 44 -11.95 8.46 -8.46
C VAL A 44 -11.87 9.98 -8.37
N ARG A 45 -11.35 10.48 -7.25
CA ARG A 45 -11.49 11.91 -6.94
C ARG A 45 -10.20 12.65 -7.28
N GLY A 46 -9.12 11.94 -7.59
CA GLY A 46 -7.84 12.61 -7.84
C GLY A 46 -6.70 11.58 -7.81
N GLY A 47 -5.47 12.07 -7.73
CA GLY A 47 -4.30 11.22 -7.77
C GLY A 47 -3.15 11.82 -8.57
N ALA A 48 -2.14 11.00 -8.83
CA ALA A 48 -0.98 11.44 -9.59
C ALA A 48 -0.17 10.20 -9.97
N SER A 49 0.74 10.35 -10.95
CA SER A 49 1.50 9.21 -11.43
C SER A 49 2.99 9.47 -11.26
N PHE A 50 3.74 8.48 -10.81
CA PHE A 50 5.18 8.61 -10.67
C PHE A 50 5.89 7.56 -11.51
N VAL A 51 5.16 6.90 -12.38
CA VAL A 51 5.72 5.96 -13.35
C VAL A 51 6.15 6.79 -14.57
N PRO A 52 7.44 6.94 -14.81
CA PRO A 52 7.94 7.77 -15.93
C PRO A 52 7.35 7.47 -17.29
N SER A 53 7.15 6.22 -17.68
CA SER A 53 6.58 5.86 -18.98
C SER A 53 5.05 5.89 -19.01
N GLU A 54 4.38 6.04 -17.86
CA GLU A 54 2.92 6.04 -17.81
C GLU A 54 2.39 7.11 -16.85
N THR A 55 2.36 8.36 -17.32
CA THR A 55 2.15 9.50 -16.44
C THR A 55 0.69 9.81 -16.16
N ASN A 56 -0.24 9.08 -16.72
CA ASN A 56 -1.67 9.32 -16.44
C ASN A 56 -2.09 8.27 -15.41
N PRO A 57 -2.38 8.68 -14.21
CA PRO A 57 -2.79 7.75 -13.13
C PRO A 57 -4.15 7.13 -13.31
N TYR A 58 -4.94 7.65 -14.27
CA TYR A 58 -6.31 7.17 -14.46
C TYR A 58 -6.35 6.15 -15.60
N GLN A 59 -5.17 5.71 -16.01
CA GLN A 59 -5.03 4.61 -16.94
C GLN A 59 -4.29 3.45 -16.26
N ASP A 60 -4.85 2.27 -16.42
CA ASP A 60 -4.28 1.09 -15.75
C ASP A 60 -4.13 -0.05 -16.73
N GLY A 61 -2.90 -0.28 -17.17
CA GLY A 61 -2.61 -1.31 -18.16
C GLY A 61 -2.39 -2.68 -17.53
N SER A 62 -2.30 -2.69 -16.19
CA SER A 62 -2.11 -3.96 -15.47
C SER A 62 -3.47 -4.58 -15.09
N SER A 63 -4.38 -3.79 -14.57
CA SER A 63 -5.70 -4.16 -14.10
C SER A 63 -5.68 -4.30 -12.57
N HIS A 64 -4.48 -4.40 -12.03
CA HIS A 64 -4.26 -4.66 -10.61
C HIS A 64 -4.83 -3.54 -9.75
N GLY A 65 -4.44 -2.29 -10.02
CA GLY A 65 -4.91 -1.15 -9.26
C GLY A 65 -6.41 -0.94 -9.38
N THR A 66 -6.97 -1.23 -10.56
CA THR A 66 -8.43 -1.05 -10.70
C THR A 66 -9.17 -2.08 -9.82
N HIS A 67 -8.70 -3.29 -9.81
CA HIS A 67 -9.28 -4.42 -9.05
C HIS A 67 -9.19 -4.17 -7.55
N VAL A 68 -8.06 -3.67 -7.08
CA VAL A 68 -7.87 -3.30 -5.70
C VAL A 68 -8.82 -2.17 -5.32
N ALA A 69 -8.89 -1.16 -6.20
CA ALA A 69 -9.77 -0.02 -5.95
C ALA A 69 -11.21 -0.51 -5.75
N GLY A 70 -11.68 -1.44 -6.57
CA GLY A 70 -13.07 -1.89 -6.43
C GLY A 70 -13.37 -2.66 -5.14
N THR A 71 -12.39 -3.39 -4.62
CA THR A 71 -12.61 -4.05 -3.32
C THR A 71 -12.77 -3.00 -2.24
N ILE A 72 -11.97 -1.91 -2.35
CA ILE A 72 -12.01 -0.83 -1.38
C ILE A 72 -13.32 -0.06 -1.46
N ALA A 73 -13.74 0.35 -2.67
CA ALA A 73 -14.85 1.31 -2.75
C ALA A 73 -15.69 1.18 -4.01
N ALA A 74 -15.86 0.00 -4.57
CA ALA A 74 -16.83 -0.13 -5.66
C ALA A 74 -18.19 0.43 -5.19
N LEU A 75 -18.81 1.21 -6.06
CA LEU A 75 -19.99 1.99 -5.71
C LEU A 75 -21.17 1.14 -5.32
N ASN A 76 -21.97 1.56 -4.38
CA ASN A 76 -23.18 0.84 -3.98
C ASN A 76 -24.33 1.30 -4.91
N ASN A 77 -24.68 0.46 -5.85
CA ASN A 77 -25.70 0.82 -6.82
C ASN A 77 -26.41 -0.43 -7.34
N SER A 78 -26.83 -0.41 -8.62
CA SER A 78 -27.52 -1.56 -9.16
C SER A 78 -26.63 -2.36 -10.10
N ILE A 79 -25.31 -2.07 -10.16
CA ILE A 79 -24.46 -2.83 -11.07
C ILE A 79 -23.22 -3.43 -10.42
N GLY A 80 -22.54 -4.35 -11.04
CA GLY A 80 -21.23 -4.83 -10.64
C GLY A 80 -21.12 -5.38 -9.24
N VAL A 81 -20.13 -4.83 -8.51
CA VAL A 81 -19.88 -5.36 -7.16
C VAL A 81 -20.08 -4.34 -6.09
N LEU A 82 -19.67 -4.58 -4.85
CA LEU A 82 -19.76 -3.59 -3.78
C LEU A 82 -18.46 -3.55 -2.99
N GLY A 83 -17.96 -2.33 -2.74
CA GLY A 83 -16.70 -2.24 -2.00
C GLY A 83 -16.99 -2.22 -0.50
N VAL A 84 -15.96 -2.39 0.30
CA VAL A 84 -16.06 -2.33 1.75
C VAL A 84 -16.56 -0.98 2.23
N SER A 85 -16.05 0.09 1.59
CA SER A 85 -16.44 1.45 1.93
C SER A 85 -16.78 2.14 0.63
N PRO A 86 -18.00 1.93 0.15
CA PRO A 86 -18.49 2.40 -1.13
C PRO A 86 -18.57 3.89 -1.31
N SER A 87 -18.56 4.69 -0.24
CA SER A 87 -18.60 6.14 -0.38
C SER A 87 -17.21 6.78 -0.18
N ALA A 88 -16.16 5.95 0.03
CA ALA A 88 -14.84 6.53 0.23
C ALA A 88 -14.35 7.28 -1.02
N SER A 89 -13.53 8.31 -0.77
CA SER A 89 -12.91 9.00 -1.88
C SER A 89 -11.62 8.28 -2.23
N LEU A 90 -11.57 7.72 -3.42
CA LEU A 90 -10.40 7.03 -3.95
C LEU A 90 -9.41 7.91 -4.67
N TYR A 91 -8.10 7.73 -4.42
CA TYR A 91 -7.07 8.47 -5.11
C TYR A 91 -6.17 7.50 -5.85
N ALA A 92 -5.98 7.75 -7.14
CA ALA A 92 -5.09 6.92 -7.95
C ALA A 92 -3.65 7.42 -7.88
N VAL A 93 -2.84 6.72 -7.06
CA VAL A 93 -1.43 7.09 -6.90
C VAL A 93 -0.63 6.03 -7.63
N LYS A 94 -0.33 6.29 -8.90
CA LYS A 94 0.28 5.29 -9.77
C LYS A 94 1.79 5.21 -9.64
N VAL A 95 2.27 4.05 -9.14
CA VAL A 95 3.68 3.77 -8.91
C VAL A 95 4.17 2.49 -9.57
N LEU A 96 3.25 1.73 -10.17
CA LEU A 96 3.58 0.54 -10.93
C LEU A 96 3.16 0.68 -12.39
N ASP A 97 3.97 0.20 -13.34
CA ASP A 97 3.57 0.27 -14.74
C ASP A 97 2.63 -0.88 -15.09
N SER A 98 2.36 -1.03 -16.37
CA SER A 98 1.41 -2.02 -16.88
C SER A 98 1.85 -3.46 -16.64
N THR A 99 3.12 -3.74 -16.35
CA THR A 99 3.53 -5.08 -16.00
C THR A 99 3.37 -5.31 -14.49
N GLY A 100 3.00 -4.26 -13.76
CA GLY A 100 2.86 -4.38 -12.32
C GLY A 100 4.20 -4.23 -11.61
N SER A 101 5.16 -3.57 -12.27
CA SER A 101 6.47 -3.33 -11.69
C SER A 101 6.70 -1.83 -11.42
N GLY A 102 7.51 -1.53 -10.45
CA GLY A 102 7.81 -0.19 -10.02
C GLY A 102 9.12 -0.09 -9.24
N GLN A 103 9.89 0.96 -9.49
CA GLN A 103 11.03 1.31 -8.66
C GLN A 103 10.62 1.79 -7.27
N TYR A 104 11.38 1.42 -6.25
CA TYR A 104 11.17 1.93 -4.90
C TYR A 104 11.09 3.44 -4.81
N SER A 105 11.95 4.13 -5.56
CA SER A 105 11.87 5.61 -5.55
C SER A 105 10.52 6.10 -6.07
N TRP A 106 9.94 5.46 -7.07
CA TRP A 106 8.60 5.87 -7.50
C TRP A 106 7.57 5.63 -6.41
N ILE A 107 7.70 4.50 -5.73
CA ILE A 107 6.74 4.13 -4.67
C ILE A 107 6.84 5.14 -3.55
N ILE A 108 8.06 5.50 -3.19
CA ILE A 108 8.29 6.53 -2.20
C ILE A 108 7.66 7.85 -2.64
N ASN A 109 7.86 8.18 -3.95
CA ASN A 109 7.24 9.47 -4.39
C ASN A 109 5.71 9.38 -4.21
N GLY A 110 5.13 8.21 -4.44
CA GLY A 110 3.67 8.05 -4.29
C GLY A 110 3.24 8.20 -2.83
N ILE A 111 4.01 7.62 -1.91
CA ILE A 111 3.73 7.72 -0.48
C ILE A 111 3.84 9.17 -0.02
N GLU A 112 4.88 9.89 -0.56
CA GLU A 112 5.01 11.29 -0.17
C GLU A 112 3.85 12.14 -0.66
N TRP A 113 3.34 11.86 -1.83
CA TRP A 113 2.15 12.50 -2.38
C TRP A 113 0.97 12.31 -1.42
N ALA A 114 0.79 11.08 -0.98
CA ALA A 114 -0.28 10.75 -0.02
C ALA A 114 -0.17 11.55 1.25
N ILE A 115 1.06 11.69 1.79
CA ILE A 115 1.30 12.53 2.95
C ILE A 115 0.95 14.00 2.71
N SER A 116 1.48 14.54 1.59
CA SER A 116 1.27 15.95 1.25
C SER A 116 -0.19 16.30 0.97
N ASN A 117 -0.94 15.34 0.44
CA ASN A 117 -2.36 15.58 0.18
C ASN A 117 -3.34 15.03 1.21
N ASN A 118 -2.84 14.81 2.41
CA ASN A 118 -3.63 14.52 3.59
C ASN A 118 -4.52 13.29 3.41
N MET A 119 -3.98 12.22 2.84
CA MET A 119 -4.73 10.98 2.76
C MET A 119 -4.99 10.43 4.17
N ASP A 120 -6.12 9.76 4.35
CA ASP A 120 -6.43 9.17 5.66
C ASP A 120 -5.86 7.76 5.69
N VAL A 121 -5.94 7.08 4.55
CA VAL A 121 -5.56 5.69 4.41
C VAL A 121 -4.75 5.46 3.14
N ILE A 122 -3.69 4.66 3.26
CA ILE A 122 -2.87 4.20 2.16
C ILE A 122 -3.05 2.70 2.01
N ASN A 123 -3.33 2.25 0.79
CA ASN A 123 -3.33 0.82 0.47
C ASN A 123 -2.14 0.49 -0.40
N MET A 124 -1.29 -0.44 0.03
CA MET A 124 -0.19 -0.86 -0.79
C MET A 124 -0.31 -2.37 -1.02
N SER A 125 -0.90 -2.73 -2.15
CA SER A 125 -1.06 -4.11 -2.52
C SER A 125 0.18 -4.47 -3.34
N LEU A 126 1.36 -4.31 -2.75
CA LEU A 126 2.61 -4.51 -3.45
C LEU A 126 3.72 -4.71 -2.41
N GLY A 127 4.80 -5.32 -2.87
CA GLY A 127 5.98 -5.43 -2.02
C GLY A 127 7.14 -6.05 -2.80
N GLY A 128 8.30 -6.12 -2.16
CA GLY A 128 9.39 -6.94 -2.73
C GLY A 128 10.13 -7.58 -1.55
N PRO A 129 10.97 -8.54 -1.84
CA PRO A 129 11.71 -9.25 -0.81
C PRO A 129 12.89 -8.44 -0.28
N THR A 130 13.13 -7.23 -0.86
CA THR A 130 14.22 -6.40 -0.39
C THR A 130 13.82 -5.17 0.39
N GLY A 131 14.48 -4.95 1.52
CA GLY A 131 14.28 -3.81 2.37
C GLY A 131 14.95 -2.55 1.80
N SER A 132 14.52 -1.39 2.27
CA SER A 132 15.08 -0.13 1.80
C SER A 132 14.95 0.87 2.94
N THR A 133 16.05 1.55 3.26
CA THR A 133 16.01 2.49 4.39
C THR A 133 15.07 3.64 4.07
N ALA A 134 15.17 4.15 2.82
CA ALA A 134 14.34 5.26 2.41
C ALA A 134 12.86 4.85 2.48
N LEU A 135 12.54 3.62 2.09
CA LEU A 135 11.18 3.12 2.12
C LEU A 135 10.64 3.06 3.54
N LYS A 136 11.44 2.50 4.44
CA LYS A 136 11.01 2.41 5.84
C LYS A 136 10.72 3.80 6.39
N THR A 137 11.65 4.73 6.11
CA THR A 137 11.55 6.08 6.62
C THR A 137 10.23 6.72 6.16
N VAL A 138 9.93 6.59 4.87
CA VAL A 138 8.72 7.18 4.31
C VAL A 138 7.47 6.52 4.84
N VAL A 139 7.47 5.19 5.00
CA VAL A 139 6.26 4.56 5.53
C VAL A 139 6.07 4.96 6.99
N ASP A 140 7.15 4.87 7.79
CA ASP A 140 7.12 5.37 9.16
C ASP A 140 6.65 6.81 9.28
N LYS A 141 7.14 7.68 8.37
CA LYS A 141 6.64 9.04 8.39
C LYS A 141 5.13 9.15 8.10
N ALA A 142 4.64 8.35 7.16
CA ALA A 142 3.21 8.42 6.81
C ALA A 142 2.41 8.04 8.07
N VAL A 143 2.85 6.98 8.78
CA VAL A 143 2.19 6.52 9.98
C VAL A 143 2.31 7.48 11.13
N SER A 144 3.49 8.11 11.33
CA SER A 144 3.62 9.08 12.42
C SER A 144 2.84 10.34 12.09
N SER A 145 2.60 10.65 10.81
CA SER A 145 1.69 11.72 10.42
C SER A 145 0.20 11.45 10.61
N GLY A 146 -0.19 10.23 10.97
CA GLY A 146 -1.57 9.90 11.33
C GLY A 146 -2.24 9.03 10.28
N ILE A 147 -1.51 8.58 9.28
CA ILE A 147 -2.08 7.77 8.22
C ILE A 147 -2.05 6.24 8.47
N VAL A 148 -3.18 5.59 8.26
CA VAL A 148 -3.25 4.12 8.29
C VAL A 148 -2.61 3.53 7.06
N VAL A 149 -1.62 2.67 7.20
CA VAL A 149 -0.98 2.07 6.03
C VAL A 149 -1.19 0.57 6.04
N ALA A 150 -1.96 0.04 5.11
CA ALA A 150 -2.17 -1.38 4.97
C ALA A 150 -1.29 -1.90 3.83
N ALA A 151 -0.52 -2.96 4.11
CA ALA A 151 0.39 -3.49 3.10
C ALA A 151 0.22 -4.98 2.93
N ALA A 152 0.26 -5.46 1.71
CA ALA A 152 0.17 -6.90 1.45
C ALA A 152 1.37 -7.62 2.10
N ALA A 153 1.10 -8.74 2.76
CA ALA A 153 2.18 -9.45 3.46
C ALA A 153 3.14 -10.08 2.46
N GLY A 154 2.63 -10.42 1.27
CA GLY A 154 3.42 -11.10 0.27
C GLY A 154 2.82 -12.46 -0.07
N ASN A 155 3.21 -13.02 -1.23
CA ASN A 155 2.67 -14.31 -1.63
C ASN A 155 3.79 -15.34 -1.84
N GLU A 156 4.68 -15.41 -0.85
CA GLU A 156 5.83 -16.32 -0.96
C GLU A 156 5.64 -17.58 -0.12
N GLY A 157 4.43 -17.78 0.40
CA GLY A 157 4.12 -19.04 1.08
C GLY A 157 4.96 -19.16 2.35
N SER A 158 5.18 -20.37 2.81
CA SER A 158 5.92 -20.58 4.07
C SER A 158 7.21 -21.34 3.80
N SER A 159 8.21 -21.06 4.61
CA SER A 159 9.52 -21.67 4.52
C SER A 159 10.04 -21.98 5.94
N GLY A 160 9.74 -23.19 6.42
CA GLY A 160 10.06 -23.55 7.82
C GLY A 160 9.66 -22.42 8.76
N SER A 161 10.56 -21.96 9.63
CA SER A 161 10.23 -20.89 10.55
C SER A 161 10.71 -19.52 10.10
N THR A 162 11.15 -19.40 8.86
CA THR A 162 11.68 -18.11 8.37
C THR A 162 10.52 -17.27 7.86
N SER A 163 10.50 -16.01 8.20
CA SER A 163 9.49 -15.07 7.72
C SER A 163 9.64 -14.85 6.23
N THR A 164 8.57 -15.02 5.48
CA THR A 164 8.61 -14.66 4.05
C THR A 164 7.82 -13.38 3.77
N VAL A 165 7.47 -12.64 4.79
CA VAL A 165 6.71 -11.39 4.67
C VAL A 165 7.58 -10.35 3.95
N GLY A 166 7.06 -9.74 2.91
CA GLY A 166 7.84 -8.84 2.06
C GLY A 166 7.88 -7.45 2.66
N TYR A 167 8.47 -6.51 1.91
CA TYR A 167 8.53 -5.11 2.30
C TYR A 167 7.58 -4.27 1.49
N PRO A 168 6.90 -3.31 2.06
CA PRO A 168 7.06 -2.67 3.32
C PRO A 168 6.25 -3.32 4.46
N ALA A 169 5.45 -4.34 4.14
CA ALA A 169 4.68 -5.05 5.15
C ALA A 169 5.51 -5.53 6.33
N LYS A 170 6.77 -5.96 6.16
CA LYS A 170 7.62 -6.37 7.26
C LYS A 170 7.85 -5.31 8.31
N TYR A 171 7.95 -4.04 7.93
CA TYR A 171 8.19 -2.97 8.88
C TYR A 171 7.06 -2.83 9.88
N PRO A 172 7.35 -2.64 11.16
CA PRO A 172 6.36 -2.52 12.21
C PRO A 172 5.27 -1.48 12.03
N SER A 173 5.55 -0.34 11.38
CA SER A 173 4.56 0.73 11.27
C SER A 173 3.38 0.36 10.38
N THR A 174 3.55 -0.56 9.45
CA THR A 174 2.45 -0.89 8.53
C THR A 174 1.54 -1.96 9.12
N ILE A 175 0.35 -2.16 8.62
CA ILE A 175 -0.45 -3.35 9.00
C ILE A 175 -0.22 -4.39 7.93
N ALA A 176 0.48 -5.47 8.24
CA ALA A 176 0.78 -6.50 7.25
C ALA A 176 -0.45 -7.39 7.12
N VAL A 177 -0.90 -7.66 5.88
CA VAL A 177 -2.17 -8.35 5.66
C VAL A 177 -1.98 -9.65 4.90
N GLY A 178 -2.33 -10.77 5.52
CA GLY A 178 -2.28 -12.07 4.87
C GLY A 178 -3.63 -12.43 4.24
N ALA A 179 -3.71 -13.58 3.56
CA ALA A 179 -4.86 -13.97 2.83
C ALA A 179 -5.47 -15.30 3.29
N VAL A 180 -6.78 -15.28 3.48
CA VAL A 180 -7.57 -16.46 3.77
C VAL A 180 -8.65 -16.68 2.72
N ASN A 181 -9.16 -17.91 2.61
CA ASN A 181 -10.21 -18.16 1.65
C ASN A 181 -11.55 -17.99 2.36
N SER A 182 -12.64 -18.34 1.69
CA SER A 182 -13.98 -18.20 2.23
C SER A 182 -14.28 -19.19 3.37
N SER A 183 -13.42 -20.19 3.57
CA SER A 183 -13.51 -21.05 4.75
C SER A 183 -12.64 -20.64 5.91
N ASN A 184 -12.02 -19.46 5.82
CA ASN A 184 -11.12 -18.89 6.78
C ASN A 184 -9.82 -19.68 6.90
N GLN A 185 -9.52 -20.45 5.85
CA GLN A 185 -8.25 -21.17 5.82
C GLN A 185 -7.20 -20.25 5.21
N ARG A 186 -5.98 -20.30 5.75
CA ARG A 186 -4.87 -19.59 5.11
C ARG A 186 -4.63 -20.10 3.69
N ALA A 187 -4.57 -19.16 2.73
CA ALA A 187 -4.19 -19.61 1.35
C ALA A 187 -2.74 -20.04 1.46
N SER A 188 -2.36 -21.14 0.84
CA SER A 188 -1.00 -21.64 0.93
C SER A 188 0.02 -20.67 0.35
N PHE A 189 -0.35 -19.71 -0.50
CA PHE A 189 0.62 -18.75 -1.01
C PHE A 189 0.89 -17.58 -0.04
N SER A 190 -0.03 -17.35 0.89
CA SER A 190 0.07 -16.23 1.80
C SER A 190 1.35 -16.28 2.65
N SER A 191 2.17 -15.23 2.55
CA SER A 191 3.43 -15.18 3.30
C SER A 191 3.20 -15.29 4.79
N ALA A 192 4.18 -15.80 5.51
CA ALA A 192 4.09 -16.08 6.93
C ALA A 192 5.27 -15.49 7.67
N GLY A 193 5.06 -15.15 8.93
CA GLY A 193 6.12 -14.62 9.79
C GLY A 193 5.48 -13.87 10.93
N SER A 194 6.31 -13.49 11.89
CA SER A 194 5.80 -12.83 13.10
C SER A 194 5.36 -11.41 12.78
N GLU A 195 5.76 -10.87 11.62
CA GLU A 195 5.31 -9.56 11.16
C GLU A 195 3.83 -9.54 10.77
N LEU A 196 3.19 -10.65 10.48
CA LEU A 196 1.77 -10.67 10.08
C LEU A 196 0.92 -9.99 11.15
N ASP A 197 -0.05 -9.17 10.72
CA ASP A 197 -0.92 -8.53 11.70
C ASP A 197 -2.34 -9.10 11.62
N VAL A 198 -2.91 -9.13 10.42
CA VAL A 198 -4.29 -9.62 10.22
C VAL A 198 -4.42 -10.35 8.90
N MET A 199 -5.54 -11.03 8.73
CA MET A 199 -5.87 -11.74 7.50
C MET A 199 -7.16 -11.12 6.94
N ALA A 200 -7.39 -11.29 5.66
CA ALA A 200 -8.59 -10.81 4.99
C ALA A 200 -8.76 -11.69 3.74
N PRO A 201 -9.96 -11.73 3.19
CA PRO A 201 -10.23 -12.58 2.02
C PRO A 201 -9.28 -12.26 0.87
N GLY A 202 -8.62 -13.29 0.33
CA GLY A 202 -7.68 -13.05 -0.76
C GLY A 202 -7.70 -14.17 -1.77
N VAL A 203 -8.79 -14.95 -1.81
CA VAL A 203 -8.92 -16.05 -2.74
C VAL A 203 -10.17 -15.89 -3.58
N SER A 204 -10.02 -15.80 -4.88
CA SER A 204 -11.17 -15.69 -5.79
C SER A 204 -12.00 -14.45 -5.49
N ILE A 205 -11.30 -13.31 -5.42
CA ILE A 205 -11.93 -12.05 -5.04
C ILE A 205 -12.42 -11.31 -6.29
N GLN A 206 -13.73 -11.19 -6.41
CA GLN A 206 -14.35 -10.56 -7.58
C GLN A 206 -14.32 -9.05 -7.38
N SER A 207 -13.97 -8.31 -8.44
CA SER A 207 -13.94 -6.86 -8.38
C SER A 207 -13.86 -6.24 -9.78
N THR A 208 -13.70 -4.94 -9.83
CA THR A 208 -13.62 -4.15 -11.05
C THR A 208 -12.33 -4.28 -11.87
N LEU A 209 -12.49 -4.35 -13.19
CA LEU A 209 -11.36 -4.44 -14.11
C LEU A 209 -11.53 -3.30 -15.16
N PRO A 210 -10.42 -2.80 -15.70
CA PRO A 210 -10.48 -1.72 -16.68
C PRO A 210 -11.39 -2.11 -17.83
N GLY A 211 -12.09 -1.12 -18.39
CA GLY A 211 -12.95 -1.44 -19.55
C GLY A 211 -14.39 -1.69 -19.10
N GLY A 212 -14.71 -1.45 -17.84
CA GLY A 212 -16.05 -1.61 -17.31
C GLY A 212 -16.42 -3.07 -17.05
N THR A 213 -15.45 -3.96 -16.88
CA THR A 213 -15.68 -5.36 -16.65
C THR A 213 -15.29 -5.76 -15.23
N TYR A 214 -15.43 -7.03 -14.90
CA TYR A 214 -15.26 -7.58 -13.59
C TYR A 214 -14.65 -8.98 -13.63
N GLY A 215 -13.86 -9.29 -12.58
CA GLY A 215 -13.13 -10.56 -12.61
C GLY A 215 -12.51 -10.85 -11.24
N ALA A 216 -12.11 -12.09 -11.01
CA ALA A 216 -11.58 -12.49 -9.71
C ALA A 216 -10.09 -12.76 -9.79
N TYR A 217 -9.38 -12.35 -8.73
CA TYR A 217 -7.94 -12.60 -8.64
C TYR A 217 -7.66 -13.17 -7.25
N ASN A 218 -6.45 -13.71 -7.04
CA ASN A 218 -6.08 -14.18 -5.70
C ASN A 218 -4.82 -13.42 -5.29
N GLY A 219 -4.65 -13.22 -3.98
CA GLY A 219 -3.38 -12.62 -3.56
C GLY A 219 -3.58 -11.98 -2.19
N THR A 220 -2.43 -11.77 -1.49
CA THR A 220 -2.52 -10.90 -0.30
C THR A 220 -2.84 -9.48 -0.72
N CYS A 221 -2.56 -9.18 -2.01
CA CYS A 221 -2.98 -7.91 -2.59
C CYS A 221 -4.50 -7.70 -2.67
N MET A 222 -5.26 -8.76 -2.81
CA MET A 222 -6.72 -8.65 -2.82
C MET A 222 -7.23 -8.58 -1.40
N ALA A 223 -6.46 -9.18 -0.49
CA ALA A 223 -6.77 -9.14 0.96
C ALA A 223 -6.61 -7.76 1.57
N THR A 224 -5.51 -7.09 1.23
CA THR A 224 -5.18 -5.74 1.66
C THR A 224 -6.27 -4.72 1.52
N PRO A 225 -6.87 -4.55 0.34
CA PRO A 225 -7.90 -3.50 0.19
C PRO A 225 -9.09 -3.75 1.09
N HIS A 226 -9.39 -4.99 1.49
CA HIS A 226 -10.42 -5.24 2.52
C HIS A 226 -10.09 -4.50 3.80
N VAL A 227 -8.80 -4.49 4.17
CA VAL A 227 -8.36 -3.86 5.41
C VAL A 227 -8.33 -2.34 5.25
N ALA A 228 -7.89 -1.87 4.07
CA ALA A 228 -7.89 -0.40 3.83
C ALA A 228 -9.32 0.11 3.87
N GLY A 229 -10.24 -0.63 3.23
CA GLY A 229 -11.66 -0.21 3.27
C GLY A 229 -12.26 -0.28 4.67
N ALA A 230 -11.88 -1.32 5.43
CA ALA A 230 -12.32 -1.42 6.82
C ALA A 230 -11.94 -0.18 7.60
N ALA A 231 -10.69 0.27 7.42
CA ALA A 231 -10.19 1.47 8.07
C ALA A 231 -11.03 2.69 7.69
N ALA A 232 -11.39 2.78 6.43
CA ALA A 232 -12.22 3.88 5.93
C ALA A 232 -13.57 3.84 6.61
N LEU A 233 -14.15 2.62 6.72
CA LEU A 233 -15.45 2.54 7.42
C LEU A 233 -15.35 3.02 8.85
N ILE A 234 -14.32 2.51 9.56
CA ILE A 234 -14.17 2.81 10.96
C ILE A 234 -14.03 4.31 11.16
N LEU A 235 -13.22 4.95 10.29
CA LEU A 235 -13.03 6.40 10.48
C LEU A 235 -14.25 7.20 10.09
N SER A 236 -15.10 6.72 9.16
CA SER A 236 -16.31 7.44 8.84
C SER A 236 -17.27 7.40 10.05
N LYS A 237 -17.15 6.37 10.90
CA LYS A 237 -17.98 6.28 12.10
C LYS A 237 -17.31 6.91 13.30
N HIS A 238 -15.98 6.84 13.38
CA HIS A 238 -15.20 7.48 14.43
C HIS A 238 -14.12 8.39 13.85
N PRO A 239 -14.51 9.58 13.39
CA PRO A 239 -13.64 10.53 12.73
C PRO A 239 -12.54 11.11 13.59
N THR A 240 -12.58 10.91 14.93
CA THR A 240 -11.48 11.33 15.77
C THR A 240 -10.45 10.25 16.07
N TRP A 241 -10.73 9.00 15.63
CA TRP A 241 -9.84 7.90 15.99
C TRP A 241 -8.52 8.10 15.22
N THR A 242 -7.40 7.91 15.90
CA THR A 242 -6.12 8.00 15.19
C THR A 242 -5.88 6.72 14.42
N ASN A 243 -4.86 6.71 13.56
CA ASN A 243 -4.48 5.50 12.88
C ASN A 243 -4.09 4.36 13.81
N ALA A 244 -3.46 4.67 14.94
CA ALA A 244 -3.07 3.64 15.91
C ALA A 244 -4.32 3.04 16.55
N GLN A 245 -5.35 3.85 16.77
CA GLN A 245 -6.60 3.36 17.36
C GLN A 245 -7.36 2.46 16.39
N VAL A 246 -7.40 2.89 15.12
CA VAL A 246 -8.00 2.07 14.08
C VAL A 246 -7.35 0.71 14.01
N ARG A 247 -6.02 0.72 13.88
CA ARG A 247 -5.25 -0.52 13.90
C ARG A 247 -5.52 -1.40 15.12
N ASP A 248 -5.44 -0.82 16.30
CA ASP A 248 -5.66 -1.58 17.54
C ASP A 248 -7.01 -2.29 17.55
N ARG A 249 -8.07 -1.59 17.18
CA ARG A 249 -9.39 -2.22 17.02
C ARG A 249 -9.47 -3.32 16.00
N LEU A 250 -8.88 -3.14 14.80
CA LEU A 250 -8.90 -4.19 13.80
C LEU A 250 -8.19 -5.47 14.31
N GLU A 251 -7.07 -5.28 15.02
CA GLU A 251 -6.32 -6.41 15.52
C GLU A 251 -6.95 -7.01 16.80
N SER A 252 -7.44 -6.16 17.70
CA SER A 252 -7.96 -6.68 18.99
C SER A 252 -9.31 -7.37 18.86
N THR A 253 -10.11 -7.00 17.85
CA THR A 253 -11.39 -7.58 17.57
C THR A 253 -11.36 -8.59 16.45
N ALA A 254 -10.16 -8.96 15.95
CA ALA A 254 -10.09 -9.90 14.85
C ALA A 254 -10.61 -11.30 15.28
N THR A 255 -11.14 -12.05 14.33
CA THR A 255 -11.56 -13.43 14.61
C THR A 255 -10.35 -14.35 14.66
N TYR A 256 -10.05 -14.83 15.86
CA TYR A 256 -8.93 -15.76 16.03
C TYR A 256 -9.05 -16.89 15.03
N LEU A 257 -7.96 -17.22 14.33
CA LEU A 257 -7.93 -18.28 13.35
C LEU A 257 -6.86 -19.33 13.68
N GLY A 258 -6.00 -19.07 14.66
CA GLY A 258 -4.84 -19.92 14.83
C GLY A 258 -3.52 -19.20 15.12
N ASN A 259 -2.43 -19.96 15.03
CA ASN A 259 -1.06 -19.52 15.21
C ASN A 259 -0.80 -18.21 14.50
N SER A 260 -0.36 -17.19 15.23
CA SER A 260 -0.19 -15.86 14.68
C SER A 260 0.92 -15.81 13.63
N PHE A 261 1.83 -16.78 13.65
CA PHE A 261 2.87 -16.88 12.61
C PHE A 261 2.23 -17.02 11.21
N TYR A 262 1.10 -17.72 11.15
CA TYR A 262 0.42 -17.95 9.90
C TYR A 262 -0.82 -17.10 9.69
N TYR A 263 -1.38 -16.55 10.77
CA TYR A 263 -2.68 -15.88 10.70
C TYR A 263 -2.66 -14.49 11.32
N GLY A 264 -1.53 -14.06 11.86
CA GLY A 264 -1.52 -12.85 12.68
C GLY A 264 -2.57 -12.92 13.79
N LYS A 265 -3.24 -11.82 14.08
CA LYS A 265 -4.33 -11.80 15.03
C LYS A 265 -5.58 -12.50 14.47
N GLY A 266 -5.59 -12.85 13.21
CA GLY A 266 -6.73 -13.49 12.57
C GLY A 266 -7.53 -12.67 11.58
N LEU A 267 -8.79 -13.03 11.31
CA LEU A 267 -9.61 -12.36 10.29
C LEU A 267 -10.24 -11.08 10.81
N ILE A 268 -10.07 -9.96 10.06
CA ILE A 268 -10.67 -8.72 10.46
C ILE A 268 -12.21 -8.82 10.49
N ASN A 269 -12.77 -8.13 11.45
CA ASN A 269 -14.21 -8.04 11.65
C ASN A 269 -14.49 -6.54 11.80
N VAL A 270 -14.90 -5.89 10.72
CA VAL A 270 -15.05 -4.41 10.79
C VAL A 270 -16.22 -4.04 11.67
N GLN A 271 -17.24 -4.90 11.75
CA GLN A 271 -18.37 -4.63 12.68
C GLN A 271 -17.94 -4.53 14.13
N ALA A 272 -17.19 -5.53 14.59
CA ALA A 272 -16.59 -5.48 15.95
C ALA A 272 -15.64 -4.33 16.18
N ALA A 273 -14.75 -4.13 15.19
CA ALA A 273 -13.73 -3.08 15.31
C ALA A 273 -14.33 -1.69 15.47
N ALA A 274 -15.46 -1.43 14.80
CA ALA A 274 -16.07 -0.11 14.83
C ALA A 274 -17.10 0.05 15.93
N GLN A 275 -17.28 -0.95 16.81
CA GLN A 275 -18.25 -0.81 17.89
C GLN A 275 -17.97 0.47 18.70
N GLU B 1 26.64 2.55 -14.76
CA GLU B 1 25.71 3.25 -13.83
C GLU B 1 24.60 2.31 -13.36
N LYS B 2 24.02 2.61 -12.20
CA LYS B 2 22.83 1.93 -11.71
C LYS B 2 21.87 2.91 -11.04
N LYS B 3 20.69 2.40 -10.74
CA LYS B 3 19.65 3.15 -10.06
C LYS B 3 19.82 2.92 -8.56
N TYR B 4 20.00 4.05 -7.86
CA TYR B 4 20.25 4.08 -6.45
C TYR B 4 19.39 5.08 -5.68
N ILE B 5 19.30 4.85 -4.37
CA ILE B 5 18.82 5.85 -3.44
C ILE B 5 19.96 6.19 -2.46
N VAL B 6 20.30 7.47 -2.47
CA VAL B 6 21.32 8.02 -1.61
C VAL B 6 20.67 8.77 -0.45
N GLY B 7 21.00 8.33 0.77
CA GLY B 7 20.49 8.91 1.99
C GLY B 7 21.48 9.81 2.71
N PHE B 8 21.00 10.81 3.43
CA PHE B 8 21.86 11.78 4.09
C PHE B 8 21.71 11.78 5.61
N LYS B 9 22.82 12.15 6.27
CA LYS B 9 22.88 12.23 7.72
C LYS B 9 22.07 13.44 8.19
N GLN B 10 21.33 13.29 9.28
CA GLN B 10 20.37 14.29 9.76
C GLN B 10 20.86 15.71 9.58
N THR B 11 22.14 16.05 9.83
CA THR B 11 22.64 17.40 9.77
C THR B 11 24.11 17.54 9.40
N MET B 12 24.81 16.41 9.43
CA MET B 12 26.24 16.37 9.09
C MET B 12 26.39 16.68 7.61
N SER B 13 25.96 17.85 7.17
CA SER B 13 25.87 18.30 5.83
C SER B 13 24.68 17.81 5.00
N ALA B 14 24.70 18.16 3.73
CA ALA B 14 23.79 17.81 2.68
C ALA B 14 22.40 17.34 3.10
N MET B 15 21.42 18.17 2.78
CA MET B 15 19.99 18.03 2.91
C MET B 15 19.36 19.10 2.00
N SER B 16 19.92 20.28 2.24
CA SER B 16 19.65 21.45 1.43
C SER B 16 19.50 21.04 -0.03
N SER B 17 18.40 21.53 -0.61
CA SER B 17 18.03 21.22 -2.00
C SER B 17 19.24 21.26 -2.92
N ALA B 18 20.16 22.21 -2.73
CA ALA B 18 21.34 22.39 -3.55
C ALA B 18 22.61 21.67 -3.13
N LYS B 19 23.03 21.69 -1.87
CA LYS B 19 24.22 20.93 -1.50
C LYS B 19 23.99 19.43 -1.66
N LYS B 20 22.76 18.94 -1.61
CA LYS B 20 22.38 17.56 -1.87
C LYS B 20 22.67 17.11 -3.31
N LYS B 21 22.14 17.87 -4.27
CA LYS B 21 22.37 17.81 -5.69
C LYS B 21 23.87 17.85 -6.04
N ASP B 22 24.49 18.86 -5.45
CA ASP B 22 25.91 19.11 -5.54
C ASP B 22 26.74 17.90 -5.11
N VAL B 23 26.40 17.42 -3.92
CA VAL B 23 27.07 16.28 -3.30
C VAL B 23 27.16 15.09 -4.24
N ILE B 24 26.02 14.73 -4.83
CA ILE B 24 25.97 13.62 -5.78
C ILE B 24 26.49 14.02 -7.17
N SER B 25 26.08 15.23 -7.60
CA SER B 25 26.37 15.68 -8.96
C SER B 25 27.87 15.80 -9.19
N GLN B 26 28.63 16.11 -8.15
CA GLN B 26 30.06 16.28 -8.26
C GLN B 26 30.86 15.01 -7.97
N LYS B 27 30.26 13.84 -8.15
CA LYS B 27 30.91 12.55 -8.04
C LYS B 27 30.51 11.68 -9.23
N GLY B 28 30.04 12.38 -10.27
CA GLY B 28 29.57 11.75 -11.48
C GLY B 28 28.08 11.44 -11.41
N GLY B 29 27.61 11.16 -10.20
CA GLY B 29 26.21 10.85 -9.95
C GLY B 29 25.28 11.84 -10.63
N LYS B 30 24.08 11.41 -10.89
CA LYS B 30 22.98 12.20 -11.45
C LYS B 30 21.69 12.06 -10.66
N VAL B 31 21.01 13.15 -10.29
CA VAL B 31 19.79 13.18 -9.48
C VAL B 31 18.49 13.29 -10.29
N GLU B 32 17.53 12.37 -10.13
CA GLU B 32 16.22 12.34 -10.75
C GLU B 32 15.14 12.97 -9.87
N LYS B 33 15.45 12.91 -8.56
CA LYS B 33 14.50 13.38 -7.57
C LYS B 33 15.06 13.50 -6.16
N GLN B 34 14.69 14.57 -5.48
CA GLN B 34 14.91 14.81 -4.07
C GLN B 34 13.61 14.72 -3.24
N PHE B 35 13.68 13.77 -2.31
CA PHE B 35 12.51 13.41 -1.52
C PHE B 35 12.24 14.54 -0.53
N LYS B 36 10.94 14.83 -0.37
CA LYS B 36 10.44 15.89 0.48
C LYS B 36 10.41 15.50 1.97
N TYR B 37 10.08 14.25 2.26
CA TYR B 37 9.89 13.81 3.63
C TYR B 37 11.07 12.95 4.08
N VAL B 38 11.77 12.36 3.13
CA VAL B 38 12.93 11.54 3.38
C VAL B 38 14.16 12.35 3.01
N ASN B 39 15.16 12.31 3.89
CA ASN B 39 16.44 12.95 3.63
C ASN B 39 17.26 12.13 2.65
N ALA B 40 16.79 11.98 1.42
CA ALA B 40 17.37 11.09 0.44
C ALA B 40 17.13 11.59 -0.98
N ALA B 41 17.76 10.92 -1.93
CA ALA B 41 17.56 11.19 -3.35
C ALA B 41 17.75 9.98 -4.25
N ALA B 42 16.84 9.81 -5.20
CA ALA B 42 16.94 8.83 -6.25
C ALA B 42 18.02 9.35 -7.23
N ALA B 43 19.02 8.52 -7.50
CA ALA B 43 20.10 8.91 -8.39
C ALA B 43 20.65 7.75 -9.24
N THR B 44 21.34 8.14 -10.32
CA THR B 44 22.07 7.25 -11.21
C THR B 44 23.58 7.33 -11.01
N LEU B 45 24.26 6.23 -10.68
CA LEU B 45 25.64 6.22 -10.19
C LEU B 45 26.52 5.12 -10.81
N ASP B 46 27.76 5.41 -11.18
CA ASP B 46 28.78 4.47 -11.61
C ASP B 46 29.38 3.85 -10.35
N GLU B 47 30.46 3.08 -10.35
CA GLU B 47 30.96 2.50 -9.10
C GLU B 47 31.78 3.48 -8.28
N LYS B 48 32.46 4.38 -8.99
CA LYS B 48 33.31 5.39 -8.36
C LYS B 48 32.49 6.30 -7.48
N ALA B 49 31.38 6.77 -8.03
CA ALA B 49 30.45 7.67 -7.33
C ALA B 49 29.97 7.07 -6.00
N VAL B 50 29.69 5.76 -6.06
CA VAL B 50 29.22 5.02 -4.88
C VAL B 50 30.24 5.03 -3.76
N LYS B 51 31.50 4.76 -4.13
CA LYS B 51 32.58 4.70 -3.15
C LYS B 51 32.83 6.06 -2.50
N GLU B 52 32.85 7.09 -3.35
CA GLU B 52 33.04 8.46 -2.87
C GLU B 52 31.96 8.91 -1.90
N LEU B 53 30.72 8.65 -2.32
CA LEU B 53 29.51 9.03 -1.60
C LEU B 53 29.46 8.39 -0.23
N LYS B 54 29.58 7.05 -0.25
CA LYS B 54 29.49 6.26 0.97
C LYS B 54 30.45 6.77 2.04
N LYS B 55 31.58 7.28 1.56
CA LYS B 55 32.61 7.87 2.38
C LYS B 55 32.48 9.35 2.63
N ASP B 56 31.47 10.03 2.10
CA ASP B 56 31.19 11.42 2.43
C ASP B 56 30.58 11.53 3.81
N PRO B 57 31.01 12.52 4.60
CA PRO B 57 30.49 12.74 5.93
C PRO B 57 29.02 13.14 5.91
N SER B 58 28.53 13.55 4.73
CA SER B 58 27.14 13.87 4.51
C SER B 58 26.28 12.66 4.18
N VAL B 59 26.85 11.53 3.81
CA VAL B 59 26.12 10.34 3.39
C VAL B 59 26.05 9.29 4.51
N ALA B 60 24.81 8.85 4.73
CA ALA B 60 24.48 7.78 5.67
C ALA B 60 24.38 6.45 4.96
N TYR B 61 23.94 6.49 3.71
CA TYR B 61 23.89 5.25 2.94
C TYR B 61 23.68 5.43 1.46
N VAL B 62 24.10 4.33 0.80
CA VAL B 62 23.94 4.21 -0.63
C VAL B 62 23.42 2.80 -0.90
N GLU B 63 22.11 2.86 -1.24
CA GLU B 63 21.34 1.67 -1.54
C GLU B 63 20.75 1.67 -2.95
N GLU B 64 20.66 0.45 -3.49
CA GLU B 64 20.09 0.17 -4.80
C GLU B 64 18.58 0.48 -4.77
N ASP B 65 18.13 1.16 -5.81
CA ASP B 65 16.73 1.51 -6.03
C ASP B 65 16.03 0.26 -6.56
N HIS B 66 15.51 -0.54 -5.62
CA HIS B 66 15.00 -1.88 -5.95
C HIS B 66 13.65 -1.80 -6.67
N ILE B 67 13.26 -2.95 -7.18
CA ILE B 67 12.08 -3.11 -8.00
C ILE B 67 11.09 -4.05 -7.30
N ALA B 68 9.94 -3.45 -6.99
CA ALA B 68 8.84 -4.17 -6.40
C ALA B 68 7.85 -4.63 -7.46
N HIS B 69 6.93 -5.45 -7.01
CA HIS B 69 5.89 -6.03 -7.82
C HIS B 69 4.56 -6.09 -7.05
N GLU B 70 3.53 -5.95 -7.87
CA GLU B 70 2.18 -6.14 -7.35
C GLU B 70 2.23 -7.38 -6.47
N TYR B 71 1.72 -7.23 -5.25
CA TYR B 71 1.55 -8.42 -4.39
C TYR B 71 0.21 -9.04 -4.68
#